data_9JWQ
#
_entry.id   9JWQ
#
_cell.length_a   34.158
_cell.length_b   56.263
_cell.length_c   64.770
_cell.angle_alpha   90.000
_cell.angle_beta   95.119
_cell.angle_gamma   90.000
#
_symmetry.space_group_name_H-M   'P 1 21 1'
#
loop_
_entity.id
_entity.type
_entity.pdbx_description
1 polymer MSD3-apo
2 water water
#
_entity_poly.entity_id   1
_entity_poly.type   'polypeptide(L)'
_entity_poly.pdbx_seq_one_letter_code
;AKKYAVVLKTLTDPFWQSMKAGIEAEAKELGVTVDIFAAASEGDAEAQLALFESLSNKNYKGIAFAPLTADNLVEPVASA
WKKGTYLVNLDDKIDMKALKAAGGNVEAFVTTDNVAVGAQGAGYIIEKLGAEGGEVAIIEGEAGNAAGEARTKGATDAFD
KASNIKLVASQPADWDRAKAKQVATDILAKHPNIKAIYCANDTMALGVAQAVADAGKTGKVLVVGTDGIPEAQQAVKAGK
MTATVAQNPAAIGATGLKLMVDAQKKGKVIPLDKKPQYVLVASKLVTK
;
_entity_poly.pdbx_strand_id   A
#
# COMPACT_ATOMS: atom_id res chain seq x y z
N LYS A 3 20.55 2.93 19.09
CA LYS A 3 19.63 3.75 18.31
C LYS A 3 19.21 3.02 17.04
N TYR A 4 18.13 3.51 16.42
CA TYR A 4 17.61 2.91 15.20
C TYR A 4 17.42 4.01 14.16
N ALA A 5 17.44 3.60 12.89
CA ALA A 5 17.22 4.52 11.80
C ALA A 5 16.13 3.97 10.89
N VAL A 6 15.43 4.88 10.21
CA VAL A 6 14.41 4.53 9.24
C VAL A 6 14.65 5.36 7.99
N VAL A 7 14.68 4.69 6.84
CA VAL A 7 14.80 5.35 5.54
C VAL A 7 13.45 5.23 4.86
N LEU A 8 12.72 6.34 4.78
CA LEU A 8 11.45 6.37 4.08
C LEU A 8 11.67 6.83 2.64
N LYS A 9 10.62 6.73 1.82
CA LYS A 9 10.72 7.17 0.44
C LYS A 9 10.78 8.69 0.34
N THR A 10 9.75 9.36 0.85
CA THR A 10 9.72 10.81 0.94
C THR A 10 9.32 11.18 2.36
N LEU A 11 9.23 12.49 2.60
CA LEU A 11 8.61 13.01 3.82
C LEU A 11 7.65 14.15 3.52
N THR A 12 7.28 14.35 2.25
CA THR A 12 6.29 15.35 1.86
C THR A 12 4.93 14.74 1.57
N ASP A 13 4.89 13.45 1.21
CA ASP A 13 3.65 12.71 1.00
C ASP A 13 3.00 12.41 2.34
N PRO A 14 1.69 12.65 2.50
CA PRO A 14 1.04 12.36 3.80
C PRO A 14 1.16 10.92 4.23
N PHE A 15 1.20 9.98 3.29
CA PHE A 15 1.42 8.57 3.63
C PHE A 15 2.71 8.41 4.42
N TRP A 16 3.79 9.02 3.93
CA TRP A 16 5.08 8.85 4.58
C TRP A 16 5.21 9.71 5.82
N GLN A 17 4.60 10.90 5.82
CA GLN A 17 4.51 11.69 7.04
C GLN A 17 3.78 10.94 8.13
N SER A 18 2.71 10.22 7.77
CA SER A 18 1.97 9.44 8.75
C SER A 18 2.77 8.24 9.23
N MET A 19 3.57 7.63 8.34
CA MET A 19 4.43 6.54 8.79
C MET A 19 5.51 7.07 9.73
N LYS A 20 6.10 8.22 9.40
CA LYS A 20 7.05 8.85 10.32
C LYS A 20 6.40 9.13 11.66
N ALA A 21 5.17 9.65 11.66
CA ALA A 21 4.47 9.93 12.92
C ALA A 21 4.26 8.65 13.73
N GLY A 22 3.89 7.56 13.07
CA GLY A 22 3.70 6.31 13.79
C GLY A 22 4.98 5.76 14.37
N ILE A 23 6.08 5.87 13.62
CA ILE A 23 7.37 5.41 14.12
C ILE A 23 7.76 6.19 15.38
N GLU A 24 7.61 7.52 15.33
CA GLU A 24 7.98 8.35 16.47
C GLU A 24 7.10 8.05 17.68
N ALA A 25 5.79 7.88 17.46
CA ALA A 25 4.91 7.55 18.56
C ALA A 25 5.27 6.20 19.17
N GLU A 26 5.60 5.22 18.32
CA GLU A 26 5.99 3.91 18.82
C GLU A 26 7.35 3.96 19.51
N ALA A 27 8.27 4.77 18.99
CA ALA A 27 9.58 4.90 19.62
C ALA A 27 9.47 5.42 21.03
N LYS A 28 8.59 6.40 21.25
CA LYS A 28 8.36 6.90 22.60
C LYS A 28 7.84 5.79 23.51
N GLU A 29 6.84 5.05 23.05
CA GLU A 29 6.30 3.94 23.83
C GLU A 29 7.38 2.94 24.19
N LEU A 30 8.21 2.56 23.22
CA LEU A 30 9.28 1.60 23.45
C LEU A 30 10.47 2.19 24.20
N GLY A 31 10.57 3.51 24.29
CA GLY A 31 11.72 4.13 24.91
C GLY A 31 13.00 3.97 24.12
N VAL A 32 12.92 4.05 22.79
CA VAL A 32 14.09 3.93 21.93
C VAL A 32 14.20 5.18 21.08
N THR A 33 15.43 5.46 20.65
CA THR A 33 15.74 6.61 19.80
C THR A 33 15.76 6.18 18.34
N VAL A 34 15.00 6.87 17.51
CA VAL A 34 14.92 6.55 16.09
C VAL A 34 15.15 7.81 15.27
N ASP A 35 16.08 7.73 14.32
CA ASP A 35 16.32 8.82 13.38
C ASP A 35 15.69 8.45 12.05
N ILE A 36 14.85 9.33 11.53
CA ILE A 36 14.02 9.04 10.36
C ILE A 36 14.47 9.93 9.21
N PHE A 37 14.75 9.31 8.06
CA PHE A 37 15.37 10.02 6.94
C PHE A 37 14.61 9.75 5.64
N ALA A 38 14.71 10.71 4.73
CA ALA A 38 14.30 10.53 3.35
C ALA A 38 15.30 11.27 2.47
N ALA A 39 15.56 10.73 1.29
CA ALA A 39 16.52 11.36 0.39
C ALA A 39 16.04 12.76 0.02
N ALA A 40 16.98 13.72 0.03
CA ALA A 40 16.64 15.09 -0.36
C ALA A 40 16.21 15.14 -1.81
N SER A 41 16.83 14.32 -2.67
CA SER A 41 16.44 14.21 -4.06
C SER A 41 15.33 13.17 -4.19
N GLU A 42 14.12 13.63 -4.44
CA GLU A 42 12.96 12.74 -4.42
C GLU A 42 12.81 12.01 -5.75
N GLY A 43 12.24 10.81 -5.69
CA GLY A 43 12.13 9.98 -6.87
C GLY A 43 13.46 9.60 -7.48
N ASP A 44 14.50 9.49 -6.65
CA ASP A 44 15.89 9.34 -7.07
C ASP A 44 16.42 8.10 -6.38
N ALA A 45 16.48 6.98 -7.11
CA ALA A 45 16.84 5.71 -6.50
C ALA A 45 18.28 5.72 -5.98
N GLU A 46 19.19 6.33 -6.73
CA GLU A 46 20.58 6.39 -6.29
C GLU A 46 20.76 7.30 -5.07
N ALA A 47 19.94 8.35 -4.96
CA ALA A 47 20.02 9.22 -3.80
C ALA A 47 19.57 8.49 -2.54
N GLN A 48 18.55 7.65 -2.65
CA GLN A 48 18.16 6.83 -1.50
C GLN A 48 19.25 5.82 -1.16
N LEU A 49 19.90 5.26 -2.19
CA LEU A 49 21.02 4.36 -1.96
C LEU A 49 22.13 5.05 -1.18
N ALA A 50 22.53 6.24 -1.65
CA ALA A 50 23.60 6.97 -0.97
C ALA A 50 23.20 7.33 0.44
N LEU A 51 21.93 7.69 0.65
CA LEU A 51 21.46 7.97 2.01
C LEU A 51 21.61 6.75 2.90
N PHE A 52 21.16 5.59 2.41
CA PHE A 52 21.29 4.36 3.19
C PHE A 52 22.75 4.07 3.50
N GLU A 53 23.62 4.17 2.49
CA GLU A 53 25.04 3.91 2.70
C GLU A 53 25.65 4.89 3.70
N SER A 54 25.16 6.14 3.73
CA SER A 54 25.68 7.10 4.70
C SER A 54 25.34 6.71 6.13
N LEU A 55 24.37 5.81 6.32
CA LEU A 55 24.00 5.34 7.65
C LEU A 55 24.86 4.14 8.04
N SER A 56 26.11 4.13 7.56
CA SER A 56 27.08 3.09 7.87
C SER A 56 28.12 3.54 8.89
N ASN A 57 28.58 4.78 8.81
CA ASN A 57 29.49 5.29 9.83
C ASN A 57 28.81 5.45 11.18
N LYS A 58 27.48 5.44 11.22
CA LYS A 58 26.73 5.61 12.45
C LYS A 58 26.56 4.26 13.14
N ASN A 59 26.15 4.33 14.40
CA ASN A 59 26.05 3.14 15.26
C ASN A 59 24.61 2.66 15.40
N TYR A 60 23.85 2.62 14.30
CA TYR A 60 22.46 2.19 14.37
C TYR A 60 22.37 0.69 14.59
N LYS A 61 21.60 0.28 15.61
CA LYS A 61 21.42 -1.13 15.88
C LYS A 61 20.56 -1.79 14.81
N GLY A 62 19.60 -1.04 14.28
CA GLY A 62 18.73 -1.57 13.24
C GLY A 62 18.37 -0.46 12.28
N ILE A 63 17.98 -0.88 11.07
CA ILE A 63 17.55 0.05 10.04
C ILE A 63 16.29 -0.52 9.42
N ALA A 64 15.23 0.29 9.38
CA ALA A 64 14.03 -0.02 8.64
C ALA A 64 13.99 0.87 7.41
N PHE A 65 13.54 0.33 6.29
CA PHE A 65 13.63 1.06 5.04
C PHE A 65 12.44 0.75 4.16
N ALA A 66 12.00 1.77 3.41
CA ALA A 66 11.01 1.61 2.36
C ALA A 66 11.70 1.86 1.04
N PRO A 67 12.04 0.82 0.28
CA PRO A 67 12.89 1.02 -0.90
C PRO A 67 12.13 1.70 -2.03
N LEU A 68 12.80 2.68 -2.66
CA LEU A 68 12.17 3.38 -3.78
C LEU A 68 11.89 2.43 -4.94
N THR A 69 12.80 1.48 -5.18
CA THR A 69 12.62 0.46 -6.20
C THR A 69 12.88 -0.90 -5.56
N ALA A 70 12.62 -1.96 -6.32
CA ALA A 70 12.78 -3.31 -5.77
C ALA A 70 14.21 -3.60 -5.40
N ASP A 71 15.18 -3.09 -6.18
CA ASP A 71 16.57 -3.48 -6.00
C ASP A 71 17.54 -2.34 -5.75
N ASN A 72 17.07 -1.09 -5.61
CA ASN A 72 18.04 0.00 -5.47
C ASN A 72 18.79 -0.05 -4.15
N LEU A 73 18.24 -0.71 -3.13
CA LEU A 73 18.90 -0.82 -1.83
C LEU A 73 19.46 -2.21 -1.56
N VAL A 74 19.53 -3.08 -2.57
CA VAL A 74 19.98 -4.45 -2.36
C VAL A 74 21.37 -4.48 -1.77
N GLU A 75 22.32 -3.73 -2.37
CA GLU A 75 23.70 -3.80 -1.93
C GLU A 75 23.89 -3.23 -0.51
N PRO A 76 23.42 -2.01 -0.19
CA PRO A 76 23.62 -1.53 1.18
C PRO A 76 22.87 -2.34 2.22
N VAL A 77 21.70 -2.90 1.89
CA VAL A 77 21.01 -3.75 2.86
C VAL A 77 21.81 -5.02 3.12
N ALA A 78 22.38 -5.62 2.07
CA ALA A 78 23.23 -6.78 2.28
C ALA A 78 24.44 -6.43 3.13
N SER A 79 25.06 -5.27 2.85
CA SER A 79 26.19 -4.81 3.66
C SER A 79 25.79 -4.63 5.12
N ALA A 80 24.63 -4.01 5.37
CA ALA A 80 24.18 -3.82 6.74
C ALA A 80 23.93 -5.16 7.43
N TRP A 81 23.30 -6.11 6.74
CA TRP A 81 23.06 -7.43 7.34
C TRP A 81 24.37 -8.11 7.72
N LYS A 82 25.36 -8.08 6.82
CA LYS A 82 26.66 -8.70 7.11
C LYS A 82 27.33 -8.06 8.32
N LYS A 83 27.04 -6.79 8.58
CA LYS A 83 27.57 -6.09 9.75
C LYS A 83 26.74 -6.32 11.00
N GLY A 84 25.70 -7.15 10.94
CA GLY A 84 24.90 -7.45 12.10
C GLY A 84 23.75 -6.49 12.36
N THR A 85 23.39 -5.67 11.37
CA THR A 85 22.29 -4.73 11.54
C THR A 85 20.95 -5.45 11.43
N TYR A 86 20.03 -5.09 12.32
CA TYR A 86 18.68 -5.65 12.31
C TYR A 86 17.83 -4.87 11.34
N LEU A 87 17.44 -5.51 10.24
CA LEU A 87 16.84 -4.82 9.10
C LEU A 87 15.37 -5.20 8.97
N VAL A 88 14.54 -4.19 8.69
CA VAL A 88 13.12 -4.42 8.49
C VAL A 88 12.69 -3.70 7.21
N ASN A 89 12.12 -4.47 6.29
CA ASN A 89 11.61 -3.98 5.01
C ASN A 89 10.21 -3.42 5.24
N LEU A 90 10.00 -2.16 4.85
CA LEU A 90 8.71 -1.50 5.05
C LEU A 90 8.00 -1.31 3.71
N ASP A 91 6.70 -1.61 3.69
CA ASP A 91 5.79 -1.22 2.61
C ASP A 91 6.02 -1.98 1.31
N ASP A 92 7.01 -1.56 0.52
CA ASP A 92 7.29 -2.17 -0.77
C ASP A 92 8.42 -3.18 -0.60
N LYS A 93 8.23 -4.38 -1.15
CA LYS A 93 9.14 -5.48 -0.90
C LYS A 93 10.44 -5.31 -1.68
N ILE A 94 11.56 -5.43 -0.98
CA ILE A 94 12.85 -5.49 -1.64
C ILE A 94 12.94 -6.78 -2.44
N ASP A 95 13.73 -6.75 -3.52
CA ASP A 95 13.98 -7.96 -4.30
C ASP A 95 14.73 -8.97 -3.45
N MET A 96 14.01 -9.89 -2.81
CA MET A 96 14.65 -10.83 -1.90
C MET A 96 15.59 -11.80 -2.64
N LYS A 97 15.25 -12.17 -3.88
CA LYS A 97 16.15 -12.96 -4.69
C LYS A 97 17.50 -12.26 -4.84
N ALA A 98 17.47 -11.00 -5.26
CA ALA A 98 18.70 -10.23 -5.42
C ALA A 98 19.40 -10.02 -4.08
N LEU A 99 18.63 -9.81 -3.01
CA LEU A 99 19.23 -9.60 -1.70
C LEU A 99 19.98 -10.85 -1.23
N LYS A 100 19.33 -12.02 -1.33
CA LYS A 100 19.98 -13.26 -0.93
C LYS A 100 21.23 -13.51 -1.78
N ALA A 101 21.15 -13.26 -3.09
CA ALA A 101 22.30 -13.42 -3.95
C ALA A 101 23.43 -12.46 -3.59
N ALA A 102 23.12 -11.36 -2.90
CA ALA A 102 24.13 -10.42 -2.43
C ALA A 102 24.63 -10.75 -1.04
N GLY A 103 24.23 -11.90 -0.48
CA GLY A 103 24.68 -12.28 0.84
C GLY A 103 24.01 -11.57 1.98
N GLY A 104 22.75 -11.15 1.82
CA GLY A 104 22.05 -10.41 2.84
C GLY A 104 20.63 -10.89 3.00
N ASN A 105 19.97 -10.33 4.02
CA ASN A 105 18.62 -10.74 4.40
C ASN A 105 18.03 -9.64 5.27
N VAL A 106 16.73 -9.72 5.53
CA VAL A 106 16.08 -8.80 6.45
C VAL A 106 15.30 -9.59 7.49
N GLU A 107 15.12 -8.98 8.66
CA GLU A 107 14.37 -9.65 9.73
C GLU A 107 12.91 -9.84 9.35
N ALA A 108 12.31 -8.83 8.72
CA ALA A 108 10.87 -8.84 8.53
C ALA A 108 10.50 -7.97 7.35
N PHE A 109 9.33 -8.25 6.80
CA PHE A 109 8.69 -7.41 5.79
C PHE A 109 7.30 -7.06 6.31
N VAL A 110 7.06 -5.77 6.52
CA VAL A 110 5.77 -5.28 7.01
C VAL A 110 5.10 -4.52 5.88
N THR A 111 3.89 -4.92 5.52
CA THR A 111 3.19 -4.26 4.42
C THR A 111 1.69 -4.36 4.62
N THR A 112 0.96 -3.72 3.72
CA THR A 112 -0.49 -3.81 3.69
C THR A 112 -0.91 -5.13 3.05
N ASP A 113 -1.95 -5.73 3.60
CA ASP A 113 -2.56 -6.91 3.01
C ASP A 113 -3.45 -6.44 1.86
N ASN A 114 -2.92 -6.52 0.64
CA ASN A 114 -3.64 -5.95 -0.51
C ASN A 114 -4.75 -6.84 -1.02
N VAL A 115 -4.72 -8.13 -0.70
CA VAL A 115 -5.90 -8.96 -0.94
C VAL A 115 -7.05 -8.52 -0.03
N ALA A 116 -6.75 -8.30 1.25
CA ALA A 116 -7.77 -7.82 2.18
C ALA A 116 -8.26 -6.43 1.81
N VAL A 117 -7.40 -5.60 1.22
CA VAL A 117 -7.82 -4.27 0.78
C VAL A 117 -8.93 -4.40 -0.26
N GLY A 118 -8.72 -5.25 -1.25
CA GLY A 118 -9.76 -5.46 -2.26
C GLY A 118 -11.00 -6.08 -1.67
N ALA A 119 -10.83 -7.07 -0.78
CA ALA A 119 -11.97 -7.67 -0.10
C ALA A 119 -12.73 -6.63 0.72
N GLN A 120 -12.00 -5.68 1.30
CA GLN A 120 -12.63 -4.65 2.13
C GLN A 120 -13.45 -3.68 1.29
N GLY A 121 -12.89 -3.21 0.19
CA GLY A 121 -13.65 -2.32 -0.67
C GLY A 121 -14.86 -3.00 -1.30
N ALA A 122 -14.68 -4.23 -1.77
CA ALA A 122 -15.82 -4.99 -2.28
C ALA A 122 -16.83 -5.25 -1.18
N GLY A 123 -16.35 -5.58 0.03
CA GLY A 123 -17.26 -5.89 1.12
C GLY A 123 -18.10 -4.70 1.54
N TYR A 124 -17.51 -3.50 1.52
CA TYR A 124 -18.29 -2.29 1.78
C TYR A 124 -19.37 -2.11 0.72
N ILE A 125 -19.02 -2.35 -0.55
CA ILE A 125 -20.01 -2.27 -1.63
C ILE A 125 -21.13 -3.28 -1.40
N ILE A 126 -20.75 -4.52 -1.06
CA ILE A 126 -21.75 -5.57 -0.83
C ILE A 126 -22.70 -5.16 0.28
N GLU A 127 -22.18 -4.62 1.37
CA GLU A 127 -23.04 -4.17 2.46
C GLU A 127 -23.91 -3.01 2.03
N LYS A 128 -23.36 -2.07 1.25
CA LYS A 128 -24.12 -0.88 0.87
C LYS A 128 -25.24 -1.20 -0.10
N LEU A 129 -25.06 -2.23 -0.94
CA LEU A 129 -26.09 -2.59 -1.91
C LEU A 129 -27.22 -3.40 -1.31
N GLY A 130 -27.10 -3.80 -0.04
CA GLY A 130 -28.19 -4.44 0.67
C GLY A 130 -28.63 -5.77 0.03
N ALA A 131 -29.83 -6.18 0.40
CA ALA A 131 -30.35 -7.48 -0.03
C ALA A 131 -30.45 -7.57 -1.54
N GLU A 132 -30.76 -6.46 -2.22
CA GLU A 132 -30.90 -6.50 -3.67
C GLU A 132 -29.58 -6.76 -4.37
N GLY A 133 -28.47 -6.31 -3.80
CA GLY A 133 -27.20 -6.47 -4.49
C GLY A 133 -27.21 -5.72 -5.80
N GLY A 134 -26.63 -6.32 -6.82
CA GLY A 134 -26.66 -5.75 -8.15
C GLY A 134 -25.38 -6.08 -8.91
N GLU A 135 -25.28 -5.48 -10.08
CA GLU A 135 -24.09 -5.63 -10.92
C GLU A 135 -23.00 -4.69 -10.45
N VAL A 136 -21.75 -5.18 -10.45
CA VAL A 136 -20.61 -4.41 -10.02
C VAL A 136 -19.49 -4.59 -11.04
N ALA A 137 -18.51 -3.69 -10.97
CA ALA A 137 -17.35 -3.74 -11.84
C ALA A 137 -16.09 -3.43 -11.04
N ILE A 138 -14.95 -3.89 -11.56
CA ILE A 138 -13.65 -3.62 -10.97
C ILE A 138 -12.80 -2.91 -12.02
N ILE A 139 -12.19 -1.80 -11.63
CA ILE A 139 -11.19 -1.12 -12.46
C ILE A 139 -9.83 -1.54 -11.93
N GLU A 140 -9.11 -2.34 -12.71
CA GLU A 140 -7.86 -2.92 -12.26
C GLU A 140 -6.70 -1.96 -12.49
N GLY A 141 -5.60 -2.22 -11.78
CA GLY A 141 -4.36 -1.50 -12.01
C GLY A 141 -3.65 -2.01 -13.23
N GLU A 142 -2.40 -1.58 -13.37
CA GLU A 142 -1.58 -2.01 -14.49
C GLU A 142 -1.13 -3.46 -14.31
N ALA A 143 -1.13 -4.22 -15.41
CA ALA A 143 -0.70 -5.60 -15.37
C ALA A 143 0.73 -5.72 -14.85
N GLY A 144 0.97 -6.73 -14.03
CA GLY A 144 2.26 -6.98 -13.45
C GLY A 144 2.52 -6.31 -12.12
N ASN A 145 1.60 -5.49 -11.64
CA ASN A 145 1.72 -4.86 -10.33
C ASN A 145 1.11 -5.78 -9.29
N ALA A 146 1.93 -6.21 -8.32
CA ALA A 146 1.48 -7.20 -7.35
C ALA A 146 0.38 -6.66 -6.45
N ALA A 147 0.48 -5.38 -6.05
CA ALA A 147 -0.55 -4.80 -5.20
C ALA A 147 -1.89 -4.73 -5.93
N GLY A 148 -1.87 -4.37 -7.21
CA GLY A 148 -3.12 -4.27 -7.96
C GLY A 148 -3.76 -5.62 -8.24
N GLU A 149 -2.94 -6.62 -8.57
CA GLU A 149 -3.48 -7.97 -8.76
C GLU A 149 -4.10 -8.49 -7.48
N ALA A 150 -3.50 -8.18 -6.33
CA ALA A 150 -4.03 -8.62 -5.05
C ALA A 150 -5.34 -7.92 -4.73
N ARG A 151 -5.41 -6.61 -4.98
CA ARG A 151 -6.67 -5.90 -4.77
C ARG A 151 -7.76 -6.42 -5.70
N THR A 152 -7.41 -6.67 -6.96
CA THR A 152 -8.38 -7.26 -7.89
C THR A 152 -8.84 -8.63 -7.42
N LYS A 153 -7.91 -9.47 -6.95
CA LYS A 153 -8.29 -10.79 -6.45
C LYS A 153 -9.18 -10.70 -5.23
N GLY A 154 -8.77 -9.91 -4.23
CA GLY A 154 -9.58 -9.76 -3.04
C GLY A 154 -10.99 -9.27 -3.33
N ALA A 155 -11.12 -8.28 -4.22
CA ALA A 155 -12.45 -7.78 -4.57
C ALA A 155 -13.23 -8.79 -5.39
N THR A 156 -12.56 -9.46 -6.34
CA THR A 156 -13.25 -10.45 -7.17
C THR A 156 -13.78 -11.61 -6.34
N ASP A 157 -12.96 -12.10 -5.39
CA ASP A 157 -13.40 -13.22 -4.56
C ASP A 157 -14.56 -12.82 -3.66
N ALA A 158 -14.50 -11.63 -3.07
CA ALA A 158 -15.59 -11.16 -2.22
C ALA A 158 -16.88 -11.01 -3.01
N PHE A 159 -16.80 -10.38 -4.19
CA PHE A 159 -17.98 -10.23 -5.04
C PHE A 159 -18.55 -11.59 -5.44
N ASP A 160 -17.68 -12.52 -5.83
CA ASP A 160 -18.15 -13.83 -6.28
C ASP A 160 -18.90 -14.57 -5.17
N LYS A 161 -18.44 -14.44 -3.92
CA LYS A 161 -19.10 -15.14 -2.82
C LYS A 161 -20.47 -14.57 -2.51
N ALA A 162 -20.72 -13.31 -2.87
CA ALA A 162 -22.00 -12.67 -2.57
C ALA A 162 -23.03 -13.05 -3.62
N SER A 163 -24.12 -13.70 -3.18
CA SER A 163 -25.06 -14.31 -4.13
C SER A 163 -25.84 -13.28 -4.93
N ASN A 164 -26.11 -12.11 -4.34
CA ASN A 164 -26.87 -11.06 -5.02
C ASN A 164 -25.98 -10.11 -5.79
N ILE A 165 -24.70 -10.43 -5.93
CA ILE A 165 -23.72 -9.54 -6.57
C ILE A 165 -23.19 -10.24 -7.81
N LYS A 166 -23.12 -9.49 -8.91
CA LYS A 166 -22.68 -10.02 -10.19
C LYS A 166 -21.57 -9.12 -10.72
N LEU A 167 -20.36 -9.66 -10.81
CA LEU A 167 -19.24 -8.93 -11.37
C LEU A 167 -19.35 -8.98 -12.89
N VAL A 168 -19.72 -7.87 -13.51
CA VAL A 168 -19.98 -7.86 -14.95
C VAL A 168 -18.80 -7.35 -15.75
N ALA A 169 -17.85 -6.67 -15.11
CA ALA A 169 -16.67 -6.18 -15.81
C ALA A 169 -15.51 -6.05 -14.84
N SER A 170 -14.31 -6.31 -15.34
CA SER A 170 -13.08 -6.23 -14.56
C SER A 170 -11.97 -5.90 -15.56
N GLN A 171 -11.64 -4.60 -15.66
CA GLN A 171 -10.77 -4.15 -16.73
C GLN A 171 -9.70 -3.21 -16.20
N PRO A 172 -8.47 -3.32 -16.70
CA PRO A 172 -7.40 -2.44 -16.24
C PRO A 172 -7.52 -1.03 -16.79
N ALA A 173 -7.12 -0.07 -15.96
CA ALA A 173 -6.94 1.30 -16.39
C ALA A 173 -5.54 1.82 -16.07
N ASP A 174 -4.62 0.91 -15.71
CA ASP A 174 -3.18 1.19 -15.68
C ASP A 174 -2.84 2.36 -14.77
N TRP A 175 -3.57 2.47 -13.65
CA TRP A 175 -3.36 3.51 -12.65
C TRP A 175 -3.58 4.91 -13.21
N ASP A 176 -4.23 5.03 -14.36
CA ASP A 176 -4.34 6.30 -15.05
C ASP A 176 -5.74 6.90 -14.85
N ARG A 177 -5.80 8.17 -14.45
CA ARG A 177 -7.08 8.82 -14.19
C ARG A 177 -7.92 8.92 -15.46
N ALA A 178 -7.31 9.34 -16.56
CA ALA A 178 -8.07 9.53 -17.80
C ALA A 178 -8.50 8.20 -18.39
N LYS A 179 -7.62 7.20 -18.38
CA LYS A 179 -8.01 5.89 -18.89
C LYS A 179 -9.13 5.28 -18.04
N ALA A 180 -9.09 5.51 -16.73
CA ALA A 180 -10.14 4.97 -15.87
C ALA A 180 -11.49 5.60 -16.17
N LYS A 181 -11.51 6.92 -16.36
CA LYS A 181 -12.75 7.59 -16.78
C LYS A 181 -13.28 6.99 -18.07
N GLN A 182 -12.39 6.75 -19.05
CA GLN A 182 -12.83 6.21 -20.32
C GLN A 182 -13.25 4.75 -20.18
N VAL A 183 -12.50 3.95 -19.43
CA VAL A 183 -12.90 2.57 -19.21
C VAL A 183 -14.25 2.50 -18.49
N ALA A 184 -14.43 3.33 -17.46
CA ALA A 184 -15.67 3.32 -16.70
C ALA A 184 -16.84 3.82 -17.54
N THR A 185 -16.60 4.78 -18.42
CA THR A 185 -17.65 5.25 -19.32
C THR A 185 -18.09 4.14 -20.26
N ASP A 186 -17.13 3.44 -20.86
CA ASP A 186 -17.45 2.27 -21.67
C ASP A 186 -18.25 1.25 -20.86
N ILE A 187 -17.79 0.95 -19.65
CA ILE A 187 -18.44 -0.06 -18.81
C ILE A 187 -19.86 0.38 -18.45
N LEU A 188 -20.03 1.65 -18.11
CA LEU A 188 -21.36 2.14 -17.76
C LEU A 188 -22.29 2.16 -18.97
N ALA A 189 -21.74 2.26 -20.17
CA ALA A 189 -22.57 2.24 -21.36
C ALA A 189 -23.02 0.82 -21.70
N LYS A 190 -22.13 -0.16 -21.58
CA LYS A 190 -22.51 -1.54 -21.87
C LYS A 190 -23.33 -2.16 -20.75
N HIS A 191 -23.14 -1.71 -19.51
CA HIS A 191 -23.83 -2.27 -18.35
C HIS A 191 -24.51 -1.15 -17.58
N PRO A 192 -25.63 -0.63 -18.10
CA PRO A 192 -26.27 0.54 -17.46
C PRO A 192 -26.93 0.24 -16.13
N ASN A 193 -27.05 -1.03 -15.75
CA ASN A 193 -27.61 -1.37 -14.45
C ASN A 193 -26.55 -1.51 -13.37
N ILE A 194 -25.29 -1.24 -13.68
CA ILE A 194 -24.23 -1.32 -12.68
C ILE A 194 -24.53 -0.39 -11.52
N LYS A 195 -24.32 -0.89 -10.30
CA LYS A 195 -24.58 -0.13 -9.10
C LYS A 195 -23.33 0.22 -8.30
N ALA A 196 -22.16 -0.31 -8.68
CA ALA A 196 -20.96 -0.03 -7.92
C ALA A 196 -19.73 -0.40 -8.73
N ILE A 197 -18.65 0.34 -8.50
CA ILE A 197 -17.37 0.12 -9.16
C ILE A 197 -16.30 0.20 -8.09
N TYR A 198 -15.55 -0.89 -7.91
CA TYR A 198 -14.36 -0.87 -7.07
C TYR A 198 -13.15 -0.58 -7.93
N CYS A 199 -12.30 0.34 -7.47
CA CYS A 199 -11.13 0.76 -8.23
C CYS A 199 -9.88 0.44 -7.43
N ALA A 200 -8.86 -0.11 -8.11
CA ALA A 200 -7.67 -0.57 -7.42
C ALA A 200 -6.83 0.58 -6.86
N ASN A 201 -7.07 1.83 -7.28
CA ASN A 201 -6.45 2.96 -6.59
C ASN A 201 -7.31 4.21 -6.78
N ASP A 202 -6.94 5.26 -6.04
CA ASP A 202 -7.75 6.47 -5.96
C ASP A 202 -7.65 7.31 -7.23
N THR A 203 -6.47 7.34 -7.84
CA THR A 203 -6.31 8.09 -9.10
C THR A 203 -7.29 7.58 -10.14
N MET A 204 -7.43 6.27 -10.27
CA MET A 204 -8.45 5.72 -11.15
C MET A 204 -9.85 6.03 -10.63
N ALA A 205 -10.06 5.88 -9.32
CA ALA A 205 -11.39 6.11 -8.75
C ALA A 205 -11.88 7.52 -9.04
N LEU A 206 -11.00 8.51 -8.95
CA LEU A 206 -11.38 9.88 -9.24
C LEU A 206 -11.84 10.03 -10.69
N GLY A 207 -11.15 9.37 -11.61
CA GLY A 207 -11.60 9.38 -13.00
C GLY A 207 -12.90 8.63 -13.18
N VAL A 208 -13.06 7.52 -12.44
CA VAL A 208 -14.32 6.78 -12.49
C VAL A 208 -15.46 7.64 -11.93
N ALA A 209 -15.19 8.38 -10.85
CA ALA A 209 -16.19 9.29 -10.31
C ALA A 209 -16.66 10.30 -11.35
N GLN A 210 -15.74 10.76 -12.21
CA GLN A 210 -16.12 11.67 -13.28
C GLN A 210 -16.98 10.98 -14.32
N ALA A 211 -16.60 9.75 -14.70
CA ALA A 211 -17.40 9.00 -15.66
C ALA A 211 -18.83 8.79 -15.14
N VAL A 212 -18.96 8.43 -13.87
CA VAL A 212 -20.28 8.23 -13.27
C VAL A 212 -21.07 9.53 -13.31
N ALA A 213 -20.42 10.65 -12.97
CA ALA A 213 -21.07 11.96 -13.08
C ALA A 213 -21.48 12.26 -14.51
N ASP A 214 -20.55 12.08 -15.45
CA ASP A 214 -20.87 12.35 -16.86
C ASP A 214 -22.01 11.47 -17.35
N ALA A 215 -22.11 10.24 -16.85
CA ALA A 215 -23.15 9.32 -17.27
C ALA A 215 -24.52 9.64 -16.67
N GLY A 216 -24.61 10.64 -15.81
CA GLY A 216 -25.87 10.94 -15.16
C GLY A 216 -26.21 10.05 -13.97
N LYS A 217 -25.21 9.40 -13.37
CA LYS A 217 -25.45 8.41 -12.34
C LYS A 217 -24.78 8.76 -11.02
N THR A 218 -24.43 10.03 -10.82
CA THR A 218 -23.98 10.49 -9.52
C THR A 218 -24.99 10.10 -8.45
N GLY A 219 -24.50 9.47 -7.39
CA GLY A 219 -25.36 8.96 -6.34
C GLY A 219 -26.06 7.66 -6.67
N LYS A 220 -26.00 7.20 -7.92
CA LYS A 220 -26.62 5.93 -8.29
C LYS A 220 -25.62 4.79 -8.46
N VAL A 221 -24.36 5.11 -8.74
CA VAL A 221 -23.30 4.12 -8.85
C VAL A 221 -22.29 4.41 -7.75
N LEU A 222 -22.09 3.45 -6.86
CA LEU A 222 -21.06 3.59 -5.84
C LEU A 222 -19.69 3.54 -6.49
N VAL A 223 -18.77 4.34 -5.96
CA VAL A 223 -17.40 4.38 -6.45
C VAL A 223 -16.49 4.29 -5.24
N VAL A 224 -15.71 3.23 -5.17
CA VAL A 224 -14.82 2.98 -4.05
C VAL A 224 -13.39 2.91 -4.59
N GLY A 225 -12.51 3.73 -4.03
CA GLY A 225 -11.12 3.74 -4.42
C GLY A 225 -10.24 3.00 -3.41
N THR A 226 -8.94 3.17 -3.59
CA THR A 226 -7.96 2.58 -2.70
C THR A 226 -6.75 3.49 -2.63
N ASP A 227 -6.25 3.70 -1.41
CA ASP A 227 -5.01 4.39 -1.01
C ASP A 227 -5.31 5.50 -0.01
N GLY A 228 -6.49 6.11 -0.12
CA GLY A 228 -6.82 7.25 0.73
C GLY A 228 -5.98 8.47 0.46
N ILE A 229 -5.72 8.79 -0.81
CA ILE A 229 -4.94 9.99 -1.13
C ILE A 229 -5.81 11.20 -0.82
N PRO A 230 -5.22 12.38 -0.60
CA PRO A 230 -6.04 13.54 -0.18
C PRO A 230 -7.22 13.85 -1.10
N GLU A 231 -7.04 13.82 -2.42
CA GLU A 231 -8.15 14.17 -3.30
C GLU A 231 -9.28 13.15 -3.20
N ALA A 232 -8.96 11.87 -2.96
CA ALA A 232 -10.00 10.88 -2.75
C ALA A 232 -10.73 11.12 -1.43
N GLN A 233 -9.99 11.42 -0.36
CA GLN A 233 -10.64 11.73 0.90
C GLN A 233 -11.54 12.95 0.78
N GLN A 234 -11.07 13.98 0.05
CA GLN A 234 -11.92 15.13 -0.25
C GLN A 234 -13.15 14.70 -1.05
N ALA A 235 -12.95 13.85 -2.06
CA ALA A 235 -14.08 13.41 -2.88
C ALA A 235 -15.10 12.62 -2.07
N VAL A 236 -14.64 11.81 -1.12
CA VAL A 236 -15.57 11.09 -0.25
C VAL A 236 -16.38 12.07 0.58
N LYS A 237 -15.71 13.07 1.15
CA LYS A 237 -16.42 14.06 1.97
C LYS A 237 -17.43 14.84 1.14
N ALA A 238 -17.10 15.12 -0.12
CA ALA A 238 -17.97 15.88 -1.00
C ALA A 238 -19.01 15.01 -1.70
N GLY A 239 -19.05 13.72 -1.43
CA GLY A 239 -20.02 12.85 -2.07
C GLY A 239 -19.71 12.47 -3.50
N LYS A 240 -18.53 12.84 -4.01
CA LYS A 240 -18.17 12.47 -5.37
C LYS A 240 -17.65 11.03 -5.45
N MET A 241 -17.05 10.53 -4.37
CA MET A 241 -16.71 9.13 -4.22
C MET A 241 -17.44 8.57 -3.01
N THR A 242 -17.76 7.28 -3.05
CA THR A 242 -18.47 6.67 -1.93
C THR A 242 -17.54 6.41 -0.76
N ALA A 243 -16.37 5.86 -1.03
CA ALA A 243 -15.42 5.51 0.01
C ALA A 243 -14.08 5.25 -0.66
N THR A 244 -13.05 5.11 0.16
CA THR A 244 -11.77 4.59 -0.30
C THR A 244 -11.16 3.77 0.83
N VAL A 245 -10.39 2.76 0.44
CA VAL A 245 -9.71 1.91 1.41
C VAL A 245 -8.32 2.50 1.62
N ALA A 246 -8.12 3.12 2.77
CA ALA A 246 -6.85 3.74 3.09
C ALA A 246 -5.93 2.76 3.80
N GLN A 247 -4.67 2.76 3.40
CA GLN A 247 -3.68 1.97 4.12
C GLN A 247 -3.36 2.66 5.45
N ASN A 248 -2.66 1.94 6.32
CA ASN A 248 -2.31 2.45 7.65
C ASN A 248 -0.80 2.56 7.74
N PRO A 249 -0.20 3.58 7.11
CA PRO A 249 1.27 3.73 7.21
C PRO A 249 1.76 3.91 8.62
N ALA A 250 0.98 4.53 9.50
CA ALA A 250 1.41 4.70 10.88
C ALA A 250 1.61 3.35 11.56
N ALA A 251 0.68 2.42 11.34
CA ALA A 251 0.82 1.09 11.92
C ALA A 251 1.95 0.31 11.26
N ILE A 252 2.09 0.44 9.94
CA ILE A 252 3.21 -0.18 9.25
C ILE A 252 4.53 0.25 9.86
N GLY A 253 4.70 1.56 10.05
CA GLY A 253 5.93 2.07 10.63
C GLY A 253 6.13 1.64 12.07
N ALA A 254 5.09 1.82 12.90
CA ALA A 254 5.17 1.38 14.29
C ALA A 254 5.49 -0.10 14.39
N THR A 255 4.82 -0.91 13.58
CA THR A 255 5.08 -2.35 13.60
C THR A 255 6.50 -2.66 13.16
N GLY A 256 6.98 -1.98 12.11
CA GLY A 256 8.35 -2.18 11.66
C GLY A 256 9.36 -1.86 12.75
N LEU A 257 9.12 -0.80 13.51
CA LEU A 257 10.02 -0.47 14.61
C LEU A 257 9.97 -1.55 15.70
N LYS A 258 8.76 -1.99 16.07
CA LYS A 258 8.62 -3.02 17.08
C LYS A 258 9.36 -4.29 16.70
N LEU A 259 9.22 -4.72 15.44
CA LEU A 259 9.91 -5.92 14.98
C LEU A 259 11.41 -5.74 15.02
N MET A 260 11.88 -4.55 14.69
CA MET A 260 13.31 -4.25 14.75
C MET A 260 13.81 -4.33 16.19
N VAL A 261 13.07 -3.75 17.13
CA VAL A 261 13.48 -3.78 18.53
C VAL A 261 13.39 -5.19 19.08
N ASP A 262 12.37 -5.95 18.69
CA ASP A 262 12.27 -7.32 19.17
C ASP A 262 13.35 -8.21 18.56
N ALA A 263 13.68 -7.98 17.28
CA ALA A 263 14.70 -8.79 16.62
C ALA A 263 16.07 -8.63 17.28
N GLN A 264 16.41 -7.40 17.69
CA GLN A 264 17.74 -7.18 18.26
C GLN A 264 17.90 -7.87 19.62
N LYS A 265 16.79 -8.20 20.29
CA LYS A 265 16.87 -8.98 21.52
C LYS A 265 17.48 -10.36 21.28
N LYS A 266 17.30 -10.90 20.08
CA LYS A 266 17.91 -12.19 19.74
C LYS A 266 19.42 -12.15 19.93
N GLY A 267 20.05 -11.00 19.74
CA GLY A 267 21.48 -10.90 19.74
C GLY A 267 22.15 -11.40 18.47
N LYS A 268 21.36 -11.86 17.50
CA LYS A 268 21.89 -12.35 16.24
C LYS A 268 20.87 -12.05 15.14
N VAL A 269 21.36 -11.69 13.96
CA VAL A 269 20.46 -11.37 12.86
C VAL A 269 19.91 -12.66 12.25
N ILE A 270 18.84 -12.50 11.48
CA ILE A 270 18.21 -13.64 10.82
C ILE A 270 19.23 -14.36 9.93
N PRO A 271 19.28 -15.68 9.93
CA PRO A 271 20.22 -16.38 9.03
C PRO A 271 19.81 -16.22 7.57
N LEU A 272 20.80 -16.44 6.69
CA LEU A 272 20.56 -16.29 5.26
C LEU A 272 19.49 -17.24 4.74
N ASP A 273 19.41 -18.45 5.31
CA ASP A 273 18.51 -19.48 4.79
C ASP A 273 17.11 -19.41 5.43
N LYS A 274 16.81 -18.36 6.18
CA LYS A 274 15.49 -18.17 6.76
C LYS A 274 14.72 -17.10 5.98
N LYS A 275 13.39 -17.30 5.88
CA LYS A 275 12.70 -16.19 5.24
C LYS A 275 12.31 -15.14 6.27
N PRO A 276 12.31 -13.87 5.89
CA PRO A 276 11.92 -12.81 6.82
C PRO A 276 10.50 -13.04 7.35
N GLN A 277 10.24 -12.58 8.57
CA GLN A 277 8.87 -12.56 9.05
C GLN A 277 8.01 -11.77 8.06
N TYR A 278 6.80 -12.26 7.82
CA TYR A 278 5.83 -11.61 6.97
C TYR A 278 4.73 -11.06 7.85
N VAL A 279 4.58 -9.73 7.87
CA VAL A 279 3.61 -9.08 8.75
C VAL A 279 2.70 -8.19 7.91
N LEU A 280 1.41 -8.48 7.95
CA LEU A 280 0.42 -7.74 7.20
C LEU A 280 -0.34 -6.81 8.14
N VAL A 281 -0.53 -5.57 7.69
CA VAL A 281 -1.23 -4.55 8.47
C VAL A 281 -2.58 -4.29 7.82
N ALA A 282 -3.62 -4.22 8.63
CA ALA A 282 -4.97 -4.01 8.11
C ALA A 282 -5.14 -2.59 7.61
N SER A 283 -5.95 -2.44 6.56
CA SER A 283 -6.33 -1.15 6.04
C SER A 283 -7.64 -0.70 6.66
N LYS A 284 -8.04 0.53 6.36
CA LYS A 284 -9.21 1.14 6.99
C LYS A 284 -10.06 1.83 5.93
N LEU A 285 -11.37 1.65 6.05
CA LEU A 285 -12.32 2.29 5.14
C LEU A 285 -12.49 3.76 5.51
N VAL A 286 -12.35 4.63 4.52
CA VAL A 286 -12.63 6.05 4.68
C VAL A 286 -14.01 6.31 4.06
N THR A 287 -14.96 6.73 4.89
CA THR A 287 -16.33 6.99 4.44
C THR A 287 -16.75 8.40 4.86
N LYS A 288 -18.00 8.72 4.54
CA LYS A 288 -18.71 9.99 4.82
C LYS A 288 -18.51 11.01 3.70
#